data_5MHI
#
_entry.id   5MHI
#
_cell.length_a   58.341
_cell.length_b   72.594
_cell.length_c   108.646
_cell.angle_alpha   90.00
_cell.angle_beta   90.00
_cell.angle_gamma   90.00
#
_symmetry.space_group_name_H-M   'P 21 21 21'
#
loop_
_entity.id
_entity.type
_entity.pdbx_description
1 polymer 'cAMP-dependent protein kinase catalytic subunit alpha'
2 polymer 'cAMP-dependent protein kinase inhibitor alpha-like protein'
3 non-polymer (4S)-2-METHYL-2,4-PENTANEDIOL
4 non-polymer (5-chloranyl-2-methoxy-phenyl)methylazanium
5 non-polymer 'DIMETHYL SULFOXIDE'
6 water water
#
loop_
_entity_poly.entity_id
_entity_poly.type
_entity_poly.pdbx_seq_one_letter_code
_entity_poly.pdbx_strand_id
1 'polypeptide(L)'
;GHMGNAAAAKKG(SEP)EQESVKEFLAKAKEEFLKKWESPSQNTAQLDHFDRIKTLGTGSFGRVMLVKHKETGNHYAMKI
LDKQKVVKLKQIEHTLNEKRILQAVNFPFLVKLEFSFKDNSNLYMVMEYVPGGEMFSHLRRIGRFSEPHARFYAAQIVLT
FEYLHSLDLIYRDLKPENLLIDQQGYIQVTDFGFAKRVKGRTW(TPO)LCGTPEYLAPEIILSKGYNKAVDWWALGVLIY
EMAAGYPPFFADQPIQIYEKIVSGKVRFPSHFSSDLKDLLRNLLQVDLTKRFGNLKNGVNDIKNHKWFATTDWIAIYQRK
VEAPFIPKFKGPGDTSNFDDYEEEEIRV(SEP)INEKCGKEFTEF
;
A
2 'polypeptide(L)' IAAGRTGRRQAIHDILVAA B
#
# COMPACT_ATOMS: atom_id res chain seq x y z
N GLY A 1 11.64 32.10 15.27
CA GLY A 1 11.62 30.86 14.45
C GLY A 1 10.29 30.73 13.71
N HIS A 2 10.08 29.59 13.04
CA HIS A 2 8.83 29.38 12.32
C HIS A 2 7.63 29.26 13.26
N MET A 3 7.81 28.57 14.38
CA MET A 3 6.74 28.43 15.37
C MET A 3 7.01 29.35 16.55
N GLY A 4 5.96 29.94 17.08
CA GLY A 4 6.04 30.59 18.37
C GLY A 4 6.06 29.56 19.49
N ASN A 5 6.15 30.08 20.72
CA ASN A 5 6.26 29.21 21.90
C ASN A 5 5.13 28.19 21.98
N ALA A 6 3.88 28.67 21.92
CA ALA A 6 2.75 27.77 22.10
C ALA A 6 2.76 26.65 21.06
N ALA A 7 3.01 27.01 19.80
CA ALA A 7 2.97 26.03 18.74
C ALA A 7 4.10 25.01 18.89
N ALA A 8 5.30 25.47 19.23
CA ALA A 8 6.43 24.57 19.35
C ALA A 8 6.21 23.55 20.45
N ALA A 9 5.67 23.99 21.59
CA ALA A 9 5.42 23.07 22.70
C ALA A 9 4.31 22.09 22.37
N LYS A 10 3.24 22.55 21.70
CA LYS A 10 2.20 21.62 21.27
C LYS A 10 2.77 20.59 20.32
N LYS A 11 3.62 21.00 19.38
CA LYS A 11 4.18 20.05 18.42
C LYS A 11 5.08 19.04 19.12
N GLY A 12 5.93 19.51 20.03
CA GLY A 12 6.80 18.60 20.76
C GLY A 12 6.00 17.56 21.55
N GLU A 14 3.04 16.58 20.94
CA GLU A 14 2.38 15.70 19.97
C GLU A 14 3.35 14.62 19.52
N GLN A 15 4.60 15.01 19.32
CA GLN A 15 5.60 14.06 18.87
C GLN A 15 5.94 13.04 19.95
N GLU A 16 5.99 13.46 21.21
CA GLU A 16 6.21 12.49 22.30
C GLU A 16 5.03 11.53 22.41
N SER A 17 3.82 12.02 22.19
CA SER A 17 2.66 11.13 22.22
C SER A 17 2.71 10.10 21.09
N VAL A 18 3.21 10.49 19.92
CA VAL A 18 3.41 9.52 18.85
C VAL A 18 4.32 8.39 19.33
N LYS A 19 5.45 8.76 19.96
CA LYS A 19 6.38 7.76 20.46
C LYS A 19 5.70 6.81 21.43
N GLU A 20 4.87 7.35 22.32
CA GLU A 20 4.18 6.51 23.28
C GLU A 20 3.21 5.56 22.58
N PHE A 21 2.49 6.06 21.58
CA PHE A 21 1.60 5.22 20.82
C PHE A 21 2.36 4.10 20.12
N LEU A 22 3.47 4.44 19.49
CA LEU A 22 4.16 3.45 18.69
C LEU A 22 4.78 2.38 19.58
N ALA A 23 5.17 2.76 20.79
CA ALA A 23 5.74 1.78 21.71
C ALA A 23 4.69 0.75 22.10
N LYS A 24 3.47 1.19 22.37
CA LYS A 24 2.39 0.26 22.68
C LYS A 24 2.03 -0.56 21.45
N ALA A 25 2.06 0.07 20.27
CA ALA A 25 1.71 -0.67 19.06
C ALA A 25 2.71 -1.77 18.78
N LYS A 26 3.98 -1.55 19.12
CA LYS A 26 5.00 -2.58 18.90
C LYS A 26 4.80 -3.73 19.86
N GLU A 27 4.47 -3.44 21.12
CA GLU A 27 4.19 -4.52 22.06
C GLU A 27 3.06 -5.39 21.54
N GLU A 28 1.98 -4.77 21.05
CA GLU A 28 0.83 -5.55 20.56
C GLU A 28 1.20 -6.34 19.32
N PHE A 29 1.91 -5.73 18.38
CA PHE A 29 2.32 -6.43 17.18
C PHE A 29 3.17 -7.65 17.50
N LEU A 30 4.15 -7.49 18.39
CA LEU A 30 5.08 -8.59 18.66
C LEU A 30 4.35 -9.76 19.29
N LYS A 31 3.39 -9.48 20.18
CA LYS A 31 2.59 -10.58 20.74
C LYS A 31 1.94 -11.40 19.65
N LYS A 32 1.38 -10.74 18.63
CA LYS A 32 0.73 -11.48 17.54
C LYS A 32 1.74 -12.10 16.58
N TRP A 33 2.89 -11.45 16.39
CA TRP A 33 3.88 -11.92 15.44
C TRP A 33 4.52 -13.22 15.91
N GLU A 34 4.72 -13.37 17.21
CA GLU A 34 5.39 -14.52 17.77
C GLU A 34 4.43 -15.67 18.06
N SER A 35 3.15 -15.38 18.30
CA SER A 35 2.15 -16.40 18.58
C SER A 35 0.86 -16.03 17.86
N PRO A 36 0.78 -16.32 16.55
CA PRO A 36 -0.40 -15.97 15.74
C PRO A 36 -1.70 -16.61 16.24
N ASN A 39 -7.05 -18.79 12.75
CA ASN A 39 -8.33 -18.29 12.25
C ASN A 39 -8.62 -18.87 10.87
N THR A 40 -8.78 -20.18 10.78
CA THR A 40 -8.93 -20.79 9.47
C THR A 40 -10.41 -20.88 9.09
N ALA A 41 -10.64 -21.47 7.92
CA ALA A 41 -11.94 -21.66 7.31
C ALA A 41 -11.69 -22.63 6.17
N GLN A 42 -12.70 -22.86 5.34
CA GLN A 42 -12.50 -23.69 4.17
C GLN A 42 -13.31 -23.11 3.02
N LEU A 43 -12.92 -23.51 1.80
CA LEU A 43 -13.50 -22.88 0.62
C LEU A 43 -15.01 -23.03 0.59
N ASP A 44 -15.52 -24.21 0.98
CA ASP A 44 -16.95 -24.48 0.94
C ASP A 44 -17.74 -23.65 1.94
N HIS A 45 -17.08 -22.85 2.77
CA HIS A 45 -17.78 -21.94 3.67
C HIS A 45 -18.23 -20.67 2.98
N PHE A 46 -17.88 -20.48 1.71
CA PHE A 46 -18.16 -19.23 1.00
C PHE A 46 -18.84 -19.52 -0.32
N ASP A 47 -19.67 -18.58 -0.75
CA ASP A 47 -20.17 -18.52 -2.12
C ASP A 47 -19.36 -17.50 -2.91
N ARG A 48 -18.99 -17.88 -4.14
CA ARG A 48 -18.29 -16.96 -5.04
C ARG A 48 -19.29 -16.02 -5.68
N ILE A 49 -19.00 -14.72 -5.65
N ILE A 49 -18.97 -14.72 -5.67
CA ILE A 49 -19.88 -13.71 -6.23
CA ILE A 49 -19.88 -13.68 -6.17
C ILE A 49 -19.30 -13.12 -7.51
C ILE A 49 -19.34 -13.04 -7.45
N LYS A 50 -18.10 -12.54 -7.42
CA LYS A 50 -17.58 -11.80 -8.57
C LYS A 50 -16.07 -11.65 -8.41
N THR A 51 -15.37 -11.57 -9.55
CA THR A 51 -13.94 -11.26 -9.52
C THR A 51 -13.74 -9.74 -9.40
N LEU A 52 -12.95 -9.33 -8.40
CA LEU A 52 -12.70 -7.93 -8.14
C LEU A 52 -11.38 -7.42 -8.69
N GLY A 53 -10.47 -8.33 -9.03
CA GLY A 53 -9.17 -7.96 -9.54
C GLY A 53 -8.38 -9.23 -9.84
N THR A 54 -7.36 -9.07 -10.67
CA THR A 54 -6.57 -10.21 -11.13
C THR A 54 -5.11 -9.82 -11.21
N GLY A 55 -4.24 -10.82 -11.04
CA GLY A 55 -2.81 -10.64 -11.16
C GLY A 55 -2.11 -11.85 -11.73
N SER A 56 -0.78 -11.85 -11.66
CA SER A 56 -0.01 -12.95 -12.26
C SER A 56 -0.23 -14.27 -11.54
N PHE A 57 -0.47 -14.25 -10.23
CA PHE A 57 -0.53 -15.45 -9.42
C PHE A 57 -1.94 -15.86 -9.03
N GLY A 58 -2.95 -15.05 -9.35
CA GLY A 58 -4.32 -15.39 -8.98
C GLY A 58 -5.31 -14.26 -9.12
N ARG A 59 -6.23 -14.15 -8.16
CA ARG A 59 -7.32 -13.21 -8.30
C ARG A 59 -7.85 -12.86 -6.91
N VAL A 60 -8.57 -11.75 -6.84
CA VAL A 60 -9.31 -11.39 -5.66
C VAL A 60 -10.79 -11.47 -6.00
N MET A 61 -11.53 -12.22 -5.20
N MET A 61 -11.55 -12.21 -5.19
CA MET A 61 -12.95 -12.42 -5.42
CA MET A 61 -12.95 -12.46 -5.45
C MET A 61 -13.74 -11.74 -4.31
C MET A 61 -13.81 -11.91 -4.31
N LEU A 62 -14.92 -11.27 -4.68
CA LEU A 62 -15.96 -11.02 -3.69
C LEU A 62 -16.60 -12.35 -3.36
N VAL A 63 -16.65 -12.68 -2.08
CA VAL A 63 -17.28 -13.92 -1.63
C VAL A 63 -18.28 -13.57 -0.53
N LYS A 64 -19.24 -14.45 -0.34
CA LYS A 64 -20.22 -14.33 0.74
C LYS A 64 -20.08 -15.53 1.65
N HIS A 65 -19.84 -15.26 2.94
CA HIS A 65 -19.71 -16.33 3.92
C HIS A 65 -21.10 -16.89 4.23
N LYS A 66 -21.24 -18.21 4.07
CA LYS A 66 -22.57 -18.82 4.12
C LYS A 66 -23.21 -18.64 5.50
N GLU A 67 -22.48 -18.96 6.56
CA GLU A 67 -23.09 -18.98 7.89
C GLU A 67 -23.56 -17.58 8.30
N THR A 68 -22.69 -16.57 8.16
CA THR A 68 -23.01 -15.22 8.65
C THR A 68 -23.60 -14.31 7.60
N GLY A 69 -23.45 -14.62 6.31
CA GLY A 69 -23.89 -13.73 5.27
C GLY A 69 -22.99 -12.54 5.03
N ASN A 70 -21.87 -12.44 5.75
CA ASN A 70 -20.93 -11.34 5.56
C ASN A 70 -20.22 -11.49 4.23
N HIS A 71 -19.95 -10.35 3.59
CA HIS A 71 -19.15 -10.35 2.38
C HIS A 71 -17.68 -10.10 2.73
N TYR A 72 -16.80 -10.69 1.93
CA TYR A 72 -15.36 -10.57 2.12
C TYR A 72 -14.68 -10.54 0.76
N ALA A 73 -13.47 -10.00 0.74
CA ALA A 73 -12.57 -10.14 -0.41
C ALA A 73 -11.64 -11.31 -0.15
N MET A 74 -11.66 -12.29 -1.04
CA MET A 74 -10.84 -13.50 -0.93
C MET A 74 -9.76 -13.45 -1.99
N LYS A 75 -8.51 -13.35 -1.55
CA LYS A 75 -7.37 -13.45 -2.45
C LYS A 75 -7.01 -14.93 -2.59
N ILE A 76 -6.94 -15.39 -3.84
CA ILE A 76 -6.67 -16.79 -4.17
C ILE A 76 -5.37 -16.81 -4.94
N LEU A 77 -4.38 -17.54 -4.43
CA LEU A 77 -3.09 -17.69 -5.10
C LEU A 77 -2.92 -19.14 -5.54
N ASP A 78 -2.62 -19.33 -6.82
CA ASP A 78 -2.37 -20.67 -7.37
C ASP A 78 -0.98 -21.11 -6.95
N LYS A 79 -0.90 -22.16 -6.12
CA LYS A 79 0.42 -22.58 -5.63
C LYS A 79 1.35 -22.86 -6.79
N GLN A 80 0.83 -23.46 -7.86
CA GLN A 80 1.62 -23.79 -9.04
C GLN A 80 2.06 -22.57 -9.82
N LYS A 81 1.42 -21.41 -9.62
CA LYS A 81 1.91 -20.17 -10.19
C LYS A 81 2.93 -19.50 -9.29
N VAL A 82 2.84 -19.73 -7.99
CA VAL A 82 3.79 -19.18 -7.02
C VAL A 82 5.02 -20.07 -7.12
N VAL A 83 5.78 -19.91 -8.19
CA VAL A 83 6.83 -20.87 -8.57
C VAL A 83 8.21 -20.37 -8.15
N LYS A 84 8.49 -19.10 -8.40
CA LYS A 84 9.78 -18.49 -8.11
C LYS A 84 10.04 -18.44 -6.61
N LEU A 85 11.32 -18.55 -6.24
CA LEU A 85 11.69 -18.55 -4.83
C LEU A 85 11.15 -17.33 -4.11
N LYS A 86 11.36 -16.14 -4.68
CA LYS A 86 10.94 -14.93 -3.98
C LYS A 86 9.42 -14.83 -3.92
N GLN A 87 8.71 -15.43 -4.88
CA GLN A 87 7.24 -15.50 -4.80
C GLN A 87 6.78 -16.27 -3.56
N ILE A 88 7.42 -17.40 -3.25
CA ILE A 88 7.02 -18.23 -2.10
C ILE A 88 7.22 -17.47 -0.78
N GLU A 89 8.45 -17.00 -0.53
CA GLU A 89 8.73 -16.31 0.73
C GLU A 89 7.83 -15.09 0.90
N HIS A 90 7.56 -14.40 -0.20
CA HIS A 90 6.70 -13.23 -0.14
C HIS A 90 5.28 -13.57 0.31
N THR A 91 4.74 -14.72 -0.13
N THR A 91 4.77 -14.73 -0.10
CA THR A 91 3.40 -15.10 0.32
CA THR A 91 3.42 -15.11 0.29
C THR A 91 3.38 -15.34 1.82
C THR A 91 3.35 -15.43 1.79
N LEU A 92 4.41 -16.02 2.35
CA LEU A 92 4.48 -16.21 3.79
C LEU A 92 4.59 -14.88 4.53
N ASN A 93 5.38 -13.95 4.00
CA ASN A 93 5.46 -12.61 4.59
C ASN A 93 4.08 -11.97 4.66
N GLU A 94 3.36 -12.01 3.52
CA GLU A 94 2.08 -11.33 3.43
C GLU A 94 1.11 -11.82 4.51
N LYS A 95 0.94 -13.13 4.64
CA LYS A 95 0.00 -13.68 5.61
C LYS A 95 0.43 -13.34 7.02
N ARG A 96 1.71 -13.52 7.33
CA ARG A 96 2.15 -13.31 8.71
C ARG A 96 2.01 -11.85 9.12
N ILE A 97 2.32 -10.94 8.21
CA ILE A 97 2.22 -9.52 8.54
C ILE A 97 0.77 -9.12 8.72
N LEU A 98 -0.10 -9.55 7.80
CA LEU A 98 -1.50 -9.17 7.89
C LEU A 98 -2.14 -9.66 9.18
N GLN A 99 -1.76 -10.86 9.65
N GLN A 99 -1.76 -10.86 9.63
CA GLN A 99 -2.36 -11.37 10.89
CA GLN A 99 -2.29 -11.40 10.88
C GLN A 99 -1.86 -10.65 12.13
C GLN A 99 -1.97 -10.50 12.07
N ALA A 100 -0.80 -9.86 12.04
CA ALA A 100 -0.21 -9.24 13.22
C ALA A 100 -0.42 -7.73 13.32
N VAL A 101 -0.68 -7.04 12.22
CA VAL A 101 -0.80 -5.58 12.26
C VAL A 101 -2.21 -5.16 12.66
N ASN A 102 -2.35 -3.89 13.04
CA ASN A 102 -3.64 -3.34 13.41
C ASN A 102 -3.53 -1.83 13.28
N PHE A 103 -4.21 -1.25 12.29
CA PHE A 103 -4.16 0.19 12.07
C PHE A 103 -5.38 0.58 11.24
N PRO A 104 -5.91 1.81 11.41
CA PRO A 104 -7.21 2.10 10.78
C PRO A 104 -7.19 2.11 9.29
N PHE A 105 -6.02 2.24 8.68
CA PHE A 105 -5.89 2.31 7.23
C PHE A 105 -5.28 1.05 6.62
N LEU A 106 -5.20 -0.02 7.38
CA LEU A 106 -4.68 -1.30 6.89
C LEU A 106 -5.82 -2.30 6.85
N VAL A 107 -5.98 -2.98 5.72
CA VAL A 107 -7.09 -3.93 5.60
C VAL A 107 -6.94 -5.03 6.65
N LYS A 108 -8.09 -5.48 7.16
CA LYS A 108 -8.15 -6.49 8.21
C LYS A 108 -8.35 -7.89 7.62
N LEU A 109 -7.43 -8.78 7.95
CA LEU A 109 -7.51 -10.18 7.54
C LEU A 109 -8.43 -10.93 8.48
N GLU A 110 -9.33 -11.72 7.92
CA GLU A 110 -10.29 -12.50 8.70
C GLU A 110 -9.96 -13.98 8.75
N PHE A 111 -9.59 -14.58 7.62
CA PHE A 111 -9.29 -16.01 7.58
C PHE A 111 -8.14 -16.24 6.62
N SER A 112 -7.41 -17.32 6.84
CA SER A 112 -6.48 -17.80 5.84
C SER A 112 -6.50 -19.33 5.88
N PHE A 113 -6.29 -19.95 4.73
CA PHE A 113 -6.27 -21.40 4.65
C PHE A 113 -5.68 -21.81 3.29
N LYS A 114 -5.47 -23.11 3.12
CA LYS A 114 -4.93 -23.60 1.86
C LYS A 114 -5.61 -24.92 1.54
N ASP A 115 -5.54 -25.31 0.27
CA ASP A 115 -6.03 -26.63 -0.14
C ASP A 115 -5.01 -27.24 -1.11
N ASN A 116 -5.44 -28.26 -1.86
CA ASN A 116 -4.51 -28.94 -2.76
C ASN A 116 -3.91 -27.99 -3.79
N SER A 117 -4.67 -27.00 -4.25
CA SER A 117 -4.24 -26.16 -5.36
C SER A 117 -3.82 -24.75 -4.97
N ASN A 118 -4.49 -24.16 -3.98
CA ASN A 118 -4.43 -22.71 -3.79
C ASN A 118 -4.13 -22.34 -2.34
N LEU A 119 -3.66 -21.11 -2.17
CA LEU A 119 -3.64 -20.43 -0.88
C LEU A 119 -4.73 -19.38 -0.87
N TYR A 120 -5.35 -19.18 0.30
CA TYR A 120 -6.47 -18.25 0.43
C TYR A 120 -6.26 -17.28 1.58
N MET A 121 -6.51 -16.00 1.34
CA MET A 121 -6.53 -15.00 2.40
C MET A 121 -7.81 -14.19 2.23
N VAL A 122 -8.63 -14.19 3.27
CA VAL A 122 -9.97 -13.62 3.26
C VAL A 122 -9.95 -12.38 4.12
N MET A 123 -10.22 -11.23 3.49
N MET A 123 -10.19 -11.21 3.51
CA MET A 123 -10.11 -9.91 4.10
CA MET A 123 -10.10 -9.94 4.19
C MET A 123 -11.48 -9.24 4.17
C MET A 123 -11.41 -9.16 4.07
N GLU A 124 -11.53 -8.15 4.94
CA GLU A 124 -12.69 -7.27 4.91
C GLU A 124 -12.89 -6.74 3.49
N TYR A 125 -14.15 -6.75 3.04
CA TYR A 125 -14.49 -6.19 1.73
C TYR A 125 -14.62 -4.68 1.86
N VAL A 126 -13.89 -3.95 1.02
CA VAL A 126 -13.88 -2.50 1.02
C VAL A 126 -14.58 -2.06 -0.25
N PRO A 127 -15.84 -1.63 -0.20
CA PRO A 127 -16.65 -1.58 -1.41
C PRO A 127 -16.48 -0.34 -2.27
N GLY A 128 -15.72 0.65 -1.80
CA GLY A 128 -15.63 1.90 -2.54
C GLY A 128 -14.74 1.86 -3.75
N GLY A 129 -14.05 0.75 -4.02
CA GLY A 129 -13.21 0.63 -5.19
C GLY A 129 -11.77 1.11 -4.96
N GLU A 130 -10.94 0.88 -5.96
CA GLU A 130 -9.54 1.28 -5.92
C GLU A 130 -9.40 2.78 -6.18
N MET A 131 -8.47 3.42 -5.47
CA MET A 131 -8.12 4.79 -5.80
C MET A 131 -7.80 4.91 -7.29
N PHE A 132 -7.12 3.88 -7.83
CA PHE A 132 -6.71 3.87 -9.22
C PHE A 132 -7.84 4.24 -10.17
N SER A 133 -9.00 3.57 -10.06
CA SER A 133 -10.04 3.83 -11.05
C SER A 133 -10.65 5.22 -10.85
N HIS A 134 -10.83 5.65 -9.60
CA HIS A 134 -11.35 6.99 -9.37
C HIS A 134 -10.41 8.05 -9.93
N LEU A 135 -9.10 7.86 -9.75
CA LEU A 135 -8.11 8.81 -10.24
C LEU A 135 -8.09 8.83 -11.76
N ARG A 136 -8.12 7.67 -12.40
CA ARG A 136 -8.12 7.65 -13.86
C ARG A 136 -9.38 8.28 -14.42
N ARG A 137 -10.51 8.14 -13.72
CA ARG A 137 -11.77 8.68 -14.20
C ARG A 137 -11.81 10.20 -14.09
N ILE A 138 -11.33 10.76 -12.96
CA ILE A 138 -11.35 12.21 -12.74
C ILE A 138 -10.17 12.90 -13.41
N GLY A 139 -9.08 12.18 -13.69
CA GLY A 139 -7.88 12.78 -14.24
C GLY A 139 -6.83 12.98 -13.16
N ARG A 140 -7.05 13.98 -12.31
CA ARG A 140 -6.17 14.24 -11.19
C ARG A 140 -6.99 14.75 -10.01
N PHE A 141 -6.44 14.59 -8.83
CA PHE A 141 -7.03 15.11 -7.60
C PHE A 141 -6.47 16.51 -7.32
N SER A 142 -7.30 17.34 -6.70
CA SER A 142 -6.83 18.64 -6.23
C SER A 142 -5.76 18.42 -5.16
N GLU A 143 -4.95 19.45 -4.89
CA GLU A 143 -3.95 19.28 -3.85
C GLU A 143 -4.57 18.99 -2.50
N PRO A 144 -5.64 19.65 -2.05
CA PRO A 144 -6.23 19.26 -0.75
C PRO A 144 -6.68 17.80 -0.72
N HIS A 145 -7.24 17.29 -1.81
N HIS A 145 -7.24 17.33 -1.84
CA HIS A 145 -7.69 15.91 -1.82
CA HIS A 145 -7.72 15.96 -1.97
C HIS A 145 -6.51 14.95 -1.82
C HIS A 145 -6.57 14.96 -1.90
N ALA A 146 -5.50 15.22 -2.67
CA ALA A 146 -4.31 14.39 -2.64
C ALA A 146 -3.69 14.39 -1.26
N ARG A 147 -3.69 15.55 -0.61
N ARG A 147 -3.72 15.55 -0.58
CA ARG A 147 -3.11 15.70 0.73
CA ARG A 147 -3.08 15.67 0.73
C ARG A 147 -3.82 14.80 1.72
C ARG A 147 -3.83 14.86 1.78
N PHE A 148 -5.15 14.81 1.71
CA PHE A 148 -5.94 13.96 2.61
C PHE A 148 -5.52 12.50 2.50
N TYR A 149 -5.40 11.98 1.27
CA TYR A 149 -4.97 10.59 1.10
C TYR A 149 -3.51 10.42 1.51
N ALA A 150 -2.64 11.34 1.10
CA ALA A 150 -1.22 11.22 1.44
C ALA A 150 -1.01 11.17 2.94
N ALA A 151 -1.77 11.96 3.70
CA ALA A 151 -1.60 11.98 5.15
C ALA A 151 -1.85 10.60 5.75
N GLN A 152 -2.82 9.88 5.21
CA GLN A 152 -3.10 8.53 5.70
C GLN A 152 -1.95 7.59 5.40
N ILE A 153 -1.33 7.74 4.21
CA ILE A 153 -0.17 6.91 3.89
C ILE A 153 1.02 7.25 4.80
N VAL A 154 1.25 8.55 5.07
CA VAL A 154 2.33 8.92 5.96
C VAL A 154 2.17 8.26 7.31
N LEU A 155 0.96 8.32 7.87
CA LEU A 155 0.73 7.71 9.19
C LEU A 155 0.87 6.20 9.12
N THR A 156 0.37 5.58 8.05
CA THR A 156 0.48 4.13 7.92
C THR A 156 1.94 3.68 7.82
N PHE A 157 2.75 4.40 7.04
CA PHE A 157 4.17 4.06 6.97
C PHE A 157 4.88 4.36 8.30
N GLU A 158 4.51 5.43 8.99
CA GLU A 158 5.12 5.66 10.29
C GLU A 158 4.85 4.47 11.21
N TYR A 159 3.62 3.94 11.18
CA TYR A 159 3.28 2.76 11.95
C TYR A 159 4.08 1.55 11.48
N LEU A 160 4.02 1.23 10.18
CA LEU A 160 4.69 0.03 9.68
C LEU A 160 6.19 0.08 9.96
N HIS A 161 6.83 1.22 9.66
CA HIS A 161 8.27 1.31 9.80
C HIS A 161 8.71 1.20 11.25
N SER A 162 7.87 1.65 12.20
CA SER A 162 8.19 1.50 13.62
C SER A 162 8.23 0.03 14.03
N LEU A 163 7.52 -0.83 13.29
CA LEU A 163 7.53 -2.26 13.51
C LEU A 163 8.60 -2.96 12.69
N ASP A 164 9.47 -2.19 12.03
CA ASP A 164 10.49 -2.72 11.10
C ASP A 164 9.88 -3.40 9.88
N LEU A 165 8.70 -2.96 9.48
CA LEU A 165 8.05 -3.46 8.26
C LEU A 165 8.22 -2.46 7.13
N ILE A 166 8.65 -2.94 5.97
CA ILE A 166 8.68 -2.17 4.75
C ILE A 166 7.52 -2.66 3.88
N TYR A 167 6.85 -1.74 3.19
CA TYR A 167 5.63 -2.08 2.44
C TYR A 167 5.92 -2.52 1.00
N ARG A 168 6.68 -1.71 0.27
CA ARG A 168 7.30 -2.06 -1.00
C ARG A 168 6.36 -2.19 -2.20
N ASP A 169 5.11 -1.79 -2.10
CA ASP A 169 4.29 -1.79 -3.32
C ASP A 169 3.23 -0.69 -3.28
N LEU A 170 3.59 0.50 -2.82
CA LEU A 170 2.64 1.59 -2.84
C LEU A 170 2.29 1.96 -4.27
N LYS A 171 1.00 2.09 -4.55
CA LYS A 171 0.48 2.60 -5.82
C LYS A 171 -1.06 2.70 -5.69
N PRO A 172 -1.72 3.48 -6.55
CA PRO A 172 -3.17 3.64 -6.41
C PRO A 172 -3.96 2.36 -6.55
N GLU A 173 -3.43 1.38 -7.30
CA GLU A 173 -4.12 0.09 -7.45
C GLU A 173 -4.31 -0.62 -6.11
N ASN A 174 -3.44 -0.35 -5.14
CA ASN A 174 -3.44 -1.05 -3.86
C ASN A 174 -4.17 -0.32 -2.76
N LEU A 175 -4.75 0.84 -3.06
CA LEU A 175 -5.40 1.67 -2.06
C LEU A 175 -6.89 1.65 -2.33
N LEU A 176 -7.66 1.07 -1.41
N LEU A 176 -7.67 1.12 -1.39
CA LEU A 176 -9.10 1.04 -1.56
CA LEU A 176 -9.11 1.01 -1.57
C LEU A 176 -9.72 2.21 -0.80
C LEU A 176 -9.84 2.03 -0.69
N ILE A 177 -10.92 2.59 -1.23
CA ILE A 177 -11.67 3.67 -0.58
C ILE A 177 -12.82 3.02 0.18
N ASP A 178 -12.90 3.30 1.48
CA ASP A 178 -13.93 2.69 2.30
C ASP A 178 -15.20 3.55 2.31
N GLN A 179 -16.19 3.10 3.07
CA GLN A 179 -17.50 3.75 3.03
C GLN A 179 -17.47 5.16 3.60
N GLN A 180 -16.44 5.52 4.36
CA GLN A 180 -16.28 6.87 4.86
C GLN A 180 -15.31 7.71 4.02
N GLY A 181 -14.84 7.18 2.90
CA GLY A 181 -13.91 7.90 2.04
C GLY A 181 -12.47 7.85 2.47
N TYR A 182 -12.14 7.02 3.46
CA TYR A 182 -10.76 6.85 3.90
C TYR A 182 -10.12 5.66 3.18
N ILE A 183 -8.80 5.59 3.28
CA ILE A 183 -8.00 4.60 2.57
C ILE A 183 -7.87 3.32 3.38
N GLN A 184 -7.92 2.19 2.68
CA GLN A 184 -7.49 0.89 3.18
C GLN A 184 -6.36 0.39 2.29
N VAL A 185 -5.18 0.21 2.86
CA VAL A 185 -4.05 -0.36 2.14
C VAL A 185 -4.27 -1.87 2.08
N THR A 186 -4.21 -2.42 0.87
N THR A 186 -4.19 -2.41 0.88
CA THR A 186 -4.28 -3.86 0.64
CA THR A 186 -4.31 -3.82 0.65
C THR A 186 -2.98 -4.33 -0.02
C THR A 186 -3.06 -4.28 -0.09
N ASP A 187 -2.91 -5.64 -0.19
N ASP A 187 -2.96 -5.59 -0.21
CA ASP A 187 -1.87 -6.31 -0.95
CA ASP A 187 -1.86 -6.21 -0.91
C ASP A 187 -0.50 -6.16 -0.31
C ASP A 187 -0.61 -5.96 -0.10
N PHE A 188 -0.30 -6.94 0.76
CA PHE A 188 0.95 -6.96 1.50
C PHE A 188 1.90 -7.99 0.92
N GLY A 189 1.74 -8.31 -0.37
CA GLY A 189 2.55 -9.33 -1.00
C GLY A 189 4.04 -9.06 -1.03
N PHE A 190 4.42 -7.79 -0.96
N PHE A 190 4.48 -7.81 -0.95
CA PHE A 190 5.81 -7.36 -1.00
CA PHE A 190 5.91 -7.54 -0.88
C PHE A 190 6.28 -6.83 0.36
C PHE A 190 6.35 -7.03 0.46
N ALA A 191 5.43 -6.86 1.39
CA ALA A 191 5.81 -6.36 2.69
C ALA A 191 6.75 -7.34 3.38
N LYS A 192 7.67 -6.80 4.17
CA LYS A 192 8.67 -7.63 4.80
C LYS A 192 9.14 -7.00 6.09
N ARG A 193 9.39 -7.83 7.09
CA ARG A 193 10.06 -7.36 8.29
C ARG A 193 11.58 -7.34 8.04
N VAL A 194 12.18 -6.16 8.20
CA VAL A 194 13.57 -5.91 7.83
C VAL A 194 14.17 -5.05 8.92
N LYS A 195 15.25 -5.53 9.55
CA LYS A 195 15.86 -4.71 10.60
C LYS A 195 16.73 -3.59 10.04
N GLY A 196 17.41 -3.85 8.94
CA GLY A 196 18.29 -2.88 8.28
C GLY A 196 18.08 -2.87 6.78
N ARG A 197 18.91 -3.61 6.05
N ARG A 197 18.88 -3.65 6.06
CA ARG A 197 18.82 -3.72 4.61
CA ARG A 197 18.80 -3.68 4.60
C ARG A 197 18.07 -4.98 4.17
C ARG A 197 18.19 -5.00 4.13
N THR A 198 17.60 -4.94 2.94
CA THR A 198 17.15 -6.13 2.24
C THR A 198 17.54 -5.95 0.77
N TRP A 199 17.46 -7.04 0.00
CA TRP A 199 18.08 -7.07 -1.33
C TRP A 199 17.19 -7.56 -2.48
N LEU A 201 14.93 -7.66 -5.63
CA LEU A 201 14.50 -6.72 -6.66
C LEU A 201 13.02 -6.93 -6.90
N CYS A 202 12.16 -6.13 -6.27
CA CYS A 202 10.73 -6.31 -6.40
C CYS A 202 10.03 -4.98 -6.23
N GLY A 203 8.80 -4.92 -6.73
CA GLY A 203 7.95 -3.74 -6.69
C GLY A 203 7.30 -3.53 -8.03
N THR A 204 6.76 -2.33 -8.23
CA THR A 204 6.15 -1.97 -9.49
C THR A 204 7.00 -0.92 -10.17
N PRO A 205 7.37 -1.11 -11.44
CA PRO A 205 8.37 -0.26 -12.08
C PRO A 205 8.29 1.25 -11.79
N GLU A 206 7.11 1.85 -12.02
CA GLU A 206 6.97 3.29 -11.89
C GLU A 206 7.25 3.78 -10.48
N TYR A 207 7.13 2.91 -9.47
CA TYR A 207 7.25 3.27 -8.06
C TYR A 207 8.57 2.84 -7.43
N LEU A 208 9.47 2.21 -8.19
CA LEU A 208 10.73 1.72 -7.64
C LEU A 208 11.71 2.86 -7.35
N ALA A 209 12.29 2.83 -6.16
CA ALA A 209 13.36 3.77 -5.85
C ALA A 209 14.62 3.41 -6.65
N PRO A 210 15.47 4.39 -6.91
CA PRO A 210 16.68 4.11 -7.71
C PRO A 210 17.55 3.02 -7.12
N GLU A 211 17.69 2.98 -5.80
CA GLU A 211 18.54 1.98 -5.17
C GLU A 211 18.04 0.56 -5.42
N ILE A 212 16.73 0.35 -5.61
CA ILE A 212 16.25 -0.98 -5.97
C ILE A 212 16.75 -1.34 -7.36
N ILE A 213 16.51 -0.44 -8.31
CA ILE A 213 16.87 -0.65 -9.72
C ILE A 213 18.34 -0.92 -9.85
N LEU A 214 19.15 -0.24 -9.06
CA LEU A 214 20.60 -0.36 -9.14
C LEU A 214 21.16 -1.57 -8.36
N SER A 215 20.28 -2.45 -7.86
CA SER A 215 20.73 -3.68 -7.19
C SER A 215 21.57 -3.37 -5.96
N LYS A 216 21.22 -2.30 -5.26
CA LYS A 216 21.86 -1.96 -4.01
C LYS A 216 20.97 -2.46 -2.88
N GLY A 217 21.57 -2.93 -1.80
CA GLY A 217 20.85 -3.23 -0.59
C GLY A 217 20.17 -1.96 -0.12
N TYR A 218 18.89 -2.07 0.27
CA TYR A 218 18.09 -0.90 0.50
C TYR A 218 17.28 -1.07 1.78
N ASN A 219 16.67 0.03 2.22
CA ASN A 219 15.95 0.07 3.48
C ASN A 219 14.56 0.70 3.33
N LYS A 220 13.94 1.04 4.45
CA LYS A 220 12.57 1.56 4.46
C LYS A 220 12.44 2.87 3.69
N ALA A 221 13.53 3.55 3.38
CA ALA A 221 13.44 4.78 2.60
C ALA A 221 12.86 4.55 1.22
N VAL A 222 12.82 3.32 0.71
CA VAL A 222 12.18 3.08 -0.57
C VAL A 222 10.69 3.41 -0.50
N ASP A 223 10.07 3.23 0.68
CA ASP A 223 8.65 3.56 0.81
C ASP A 223 8.43 5.07 0.74
N TRP A 224 9.37 5.86 1.24
CA TRP A 224 9.21 7.31 1.18
C TRP A 224 9.41 7.83 -0.23
N TRP A 225 10.34 7.25 -1.00
CA TRP A 225 10.41 7.52 -2.42
C TRP A 225 9.07 7.22 -3.08
N ALA A 226 8.52 6.04 -2.80
CA ALA A 226 7.24 5.66 -3.42
C ALA A 226 6.11 6.61 -3.03
N LEU A 227 6.12 7.13 -1.80
CA LEU A 227 5.14 8.15 -1.43
C LEU A 227 5.25 9.37 -2.34
N GLY A 228 6.49 9.77 -2.65
CA GLY A 228 6.66 10.87 -3.59
C GLY A 228 6.04 10.58 -4.94
N VAL A 229 6.25 9.36 -5.45
CA VAL A 229 5.64 8.97 -6.72
C VAL A 229 4.12 9.03 -6.62
N LEU A 230 3.57 8.54 -5.50
CA LEU A 230 2.12 8.50 -5.33
C LEU A 230 1.54 9.90 -5.28
N ILE A 231 2.13 10.78 -4.48
CA ILE A 231 1.61 12.14 -4.37
C ILE A 231 1.67 12.83 -5.73
N TYR A 232 2.80 12.67 -6.45
CA TYR A 232 2.89 13.23 -7.78
C TYR A 232 1.77 12.71 -8.66
N GLU A 233 1.58 11.38 -8.69
CA GLU A 233 0.55 10.82 -9.58
C GLU A 233 -0.86 11.29 -9.18
N MET A 234 -1.16 11.34 -7.88
CA MET A 234 -2.47 11.82 -7.47
C MET A 234 -2.70 13.25 -7.93
N ALA A 235 -1.67 14.10 -7.81
CA ALA A 235 -1.84 15.52 -8.11
C ALA A 235 -1.71 15.86 -9.60
N ALA A 236 -0.98 15.04 -10.36
CA ALA A 236 -0.78 15.27 -11.79
C ALA A 236 -1.70 14.45 -12.67
N GLY A 237 -2.02 13.24 -12.25
CA GLY A 237 -2.79 12.30 -13.04
C GLY A 237 -1.93 11.24 -13.73
N TYR A 238 -0.62 11.37 -13.63
CA TYR A 238 0.33 10.44 -14.20
C TYR A 238 1.58 10.51 -13.33
N PRO A 239 2.37 9.45 -13.30
CA PRO A 239 3.52 9.42 -12.39
C PRO A 239 4.72 10.15 -12.98
N PRO A 240 5.73 10.44 -12.16
CA PRO A 240 6.85 11.30 -12.60
C PRO A 240 7.79 10.64 -13.59
N PHE A 241 7.87 9.31 -13.60
CA PHE A 241 8.77 8.55 -14.47
C PHE A 241 7.85 7.65 -15.28
N PHE A 242 7.57 8.06 -16.51
CA PHE A 242 6.41 7.60 -17.26
C PHE A 242 6.89 7.24 -18.65
N ALA A 243 6.81 5.96 -19.00
CA ALA A 243 7.26 5.45 -20.28
C ALA A 243 6.55 4.14 -20.57
N ASP A 244 6.59 3.71 -21.84
CA ASP A 244 5.79 2.55 -22.22
C ASP A 244 6.35 1.24 -21.72
N GLN A 245 7.69 1.13 -21.61
CA GLN A 245 8.30 -0.13 -21.22
C GLN A 245 9.11 0.02 -19.94
N PRO A 246 9.14 -1.01 -19.09
CA PRO A 246 9.91 -0.89 -17.84
C PRO A 246 11.35 -0.42 -18.01
N ILE A 247 12.08 -0.89 -19.02
CA ILE A 247 13.48 -0.47 -19.13
C ILE A 247 13.59 1.05 -19.27
N GLN A 248 12.64 1.65 -20.00
CA GLN A 248 12.67 3.10 -20.17
C GLN A 248 12.30 3.80 -18.85
N ILE A 249 11.38 3.21 -18.09
CA ILE A 249 11.01 3.77 -16.80
C ILE A 249 12.21 3.77 -15.88
N TYR A 250 12.97 2.66 -15.86
CA TYR A 250 14.12 2.55 -14.97
C TYR A 250 15.16 3.62 -15.29
N GLU A 251 15.39 3.87 -16.58
CA GLU A 251 16.39 4.88 -16.97
C GLU A 251 15.99 6.27 -16.47
N LYS A 252 14.70 6.60 -16.53
CA LYS A 252 14.25 7.89 -16.03
C LYS A 252 14.41 8.00 -14.52
N ILE A 253 14.12 6.93 -13.81
CA ILE A 253 14.20 6.96 -12.34
C ILE A 253 15.63 7.24 -11.89
N VAL A 254 16.59 6.54 -12.49
N VAL A 254 16.61 6.55 -12.48
CA VAL A 254 17.99 6.66 -12.06
CA VAL A 254 17.99 6.69 -12.00
C VAL A 254 18.56 8.03 -12.36
C VAL A 254 18.68 7.94 -12.53
N SER A 255 17.99 8.76 -13.33
CA SER A 255 18.58 10.02 -13.80
C SER A 255 18.73 11.09 -12.70
N GLY A 256 17.83 11.13 -11.72
N GLY A 256 17.78 11.30 -11.77
CA GLY A 256 17.82 12.25 -10.80
CA GLY A 256 16.34 11.08 -11.90
C GLY A 256 17.07 13.46 -11.31
C GLY A 256 15.68 12.46 -12.02
N LYS A 257 16.21 13.27 -12.33
N LYS A 257 15.65 13.06 -13.21
CA LYS A 257 15.50 14.37 -12.98
CA LYS A 257 15.43 14.51 -13.35
C LYS A 257 13.99 14.17 -12.85
C LYS A 257 13.94 14.85 -13.48
N VAL A 258 13.30 15.19 -12.35
CA VAL A 258 11.85 15.25 -12.29
C VAL A 258 11.37 16.60 -12.78
N ARG A 259 10.33 16.58 -13.60
CA ARG A 259 9.66 17.76 -14.07
C ARG A 259 8.24 17.76 -13.52
N PHE A 260 7.71 18.94 -13.25
CA PHE A 260 6.43 19.09 -12.59
C PHE A 260 5.44 19.86 -13.46
N PRO A 261 4.16 19.50 -13.42
CA PRO A 261 3.14 20.32 -14.08
C PRO A 261 3.15 21.74 -13.55
N SER A 262 2.79 22.69 -14.44
CA SER A 262 2.81 24.10 -14.06
C SER A 262 1.76 24.43 -13.00
N HIS A 263 0.77 23.56 -12.79
CA HIS A 263 -0.24 23.80 -11.76
C HIS A 263 0.19 23.32 -10.37
N PHE A 264 1.28 22.60 -10.23
CA PHE A 264 1.74 22.22 -8.89
C PHE A 264 2.16 23.45 -8.10
N SER A 265 1.71 23.53 -6.85
CA SER A 265 2.19 24.57 -5.96
C SER A 265 3.68 24.41 -5.69
N SER A 266 4.32 25.52 -5.31
CA SER A 266 5.72 25.45 -4.94
C SER A 266 5.93 24.61 -3.71
N ASP A 267 4.99 24.66 -2.74
CA ASP A 267 5.12 23.80 -1.56
C ASP A 267 5.11 22.34 -1.97
N LEU A 268 4.24 21.96 -2.91
CA LEU A 268 4.18 20.57 -3.35
C LEU A 268 5.49 20.18 -4.05
N LYS A 269 5.99 21.05 -4.93
CA LYS A 269 7.23 20.72 -5.63
C LYS A 269 8.37 20.53 -4.64
N ASP A 270 8.44 21.39 -3.61
CA ASP A 270 9.50 21.25 -2.63
C ASP A 270 9.42 19.90 -1.91
N LEU A 271 8.23 19.53 -1.44
CA LEU A 271 8.07 18.23 -0.79
C LEU A 271 8.52 17.11 -1.73
N LEU A 272 8.06 17.16 -2.98
CA LEU A 272 8.37 16.08 -3.92
C LEU A 272 9.86 16.00 -4.25
N ARG A 273 10.54 17.14 -4.36
N ARG A 273 10.54 17.14 -4.36
CA ARG A 273 11.97 17.09 -4.62
CA ARG A 273 11.98 17.10 -4.61
C ARG A 273 12.75 16.49 -3.45
C ARG A 273 12.70 16.38 -3.47
N ASN A 274 12.21 16.56 -2.23
CA ASN A 274 12.83 15.97 -1.06
C ASN A 274 12.46 14.51 -0.85
N LEU A 275 11.33 14.04 -1.40
CA LEU A 275 11.00 12.63 -1.38
C LEU A 275 11.63 11.88 -2.55
N LEU A 276 11.57 12.47 -3.74
CA LEU A 276 12.13 11.88 -4.95
C LEU A 276 13.60 12.28 -5.09
N GLN A 277 14.31 12.02 -4.02
CA GLN A 277 15.71 12.39 -3.86
C GLN A 277 16.54 11.11 -3.99
N VAL A 278 17.41 11.08 -5.01
N VAL A 278 17.38 11.07 -5.02
CA VAL A 278 18.23 9.90 -5.26
CA VAL A 278 18.22 9.90 -5.24
C VAL A 278 19.28 9.73 -4.16
C VAL A 278 19.21 9.72 -4.10
N ASP A 279 19.73 10.83 -3.56
CA ASP A 279 20.78 10.77 -2.53
C ASP A 279 20.12 10.42 -1.20
N LEU A 280 20.41 9.23 -0.68
CA LEU A 280 19.77 8.78 0.55
C LEU A 280 20.14 9.62 1.75
N THR A 281 21.26 10.34 1.70
CA THR A 281 21.62 11.20 2.83
C THR A 281 20.78 12.47 2.87
N LYS A 282 19.93 12.67 1.84
CA LYS A 282 19.10 13.85 1.72
C LYS A 282 17.62 13.54 1.61
N ARG A 283 17.23 12.28 1.48
CA ARG A 283 15.82 11.95 1.26
C ARG A 283 14.98 12.08 2.52
N PHE A 284 13.90 12.84 2.44
CA PHE A 284 13.00 12.97 3.55
C PHE A 284 12.45 11.61 3.94
N GLY A 285 12.32 11.41 5.26
CA GLY A 285 11.98 10.13 5.83
C GLY A 285 13.20 9.33 6.22
N ASN A 286 14.38 9.70 5.71
CA ASN A 286 15.60 8.95 5.95
C ASN A 286 16.63 9.75 6.73
N LEU A 287 16.24 10.89 7.30
CA LEU A 287 17.17 11.78 7.97
C LEU A 287 16.99 11.66 9.49
N LYS A 288 17.83 12.42 10.22
CA LYS A 288 17.82 12.39 11.68
C LYS A 288 16.42 12.61 12.25
N ASN A 289 15.64 13.51 11.64
N ASN A 289 15.66 13.52 11.64
CA ASN A 289 14.31 13.81 12.15
CA ASN A 289 14.32 13.87 12.10
C ASN A 289 13.24 12.88 11.62
C ASN A 289 13.24 12.90 11.61
N GLY A 290 13.63 11.88 10.84
CA GLY A 290 12.69 10.82 10.50
C GLY A 290 11.45 11.31 9.80
N VAL A 291 10.29 10.78 10.23
N VAL A 291 10.29 10.77 10.19
CA VAL A 291 9.01 11.09 9.58
CA VAL A 291 9.06 11.13 9.50
C VAL A 291 8.61 12.54 9.83
C VAL A 291 8.66 12.57 9.78
N ASN A 292 9.19 13.18 10.84
CA ASN A 292 8.79 14.54 11.14
C ASN A 292 9.18 15.54 10.06
N ASP A 293 10.21 15.25 9.26
CA ASP A 293 10.52 16.16 8.15
C ASP A 293 9.36 16.18 7.17
N ILE A 294 8.64 15.07 7.03
CA ILE A 294 7.48 15.04 6.15
C ILE A 294 6.28 15.67 6.83
N LYS A 295 5.98 15.24 8.07
CA LYS A 295 4.76 15.70 8.73
C LYS A 295 4.77 17.20 8.98
N ASN A 296 5.94 17.78 9.14
CA ASN A 296 6.07 19.20 9.44
C ASN A 296 6.37 20.04 8.21
N HIS A 297 6.37 19.44 7.02
CA HIS A 297 6.59 20.20 5.81
C HIS A 297 5.42 21.16 5.57
N LYS A 298 5.73 22.29 4.94
CA LYS A 298 4.71 23.30 4.65
C LYS A 298 3.50 22.75 3.88
N TRP A 299 3.71 21.79 2.99
CA TRP A 299 2.57 21.29 2.23
C TRP A 299 1.54 20.64 3.14
N PHE A 300 1.96 20.12 4.29
CA PHE A 300 1.07 19.48 5.24
C PHE A 300 0.68 20.40 6.39
N ALA A 301 0.92 21.71 6.26
CA ALA A 301 0.68 22.61 7.39
C ALA A 301 -0.77 22.61 7.85
N THR A 302 -1.72 22.39 6.95
CA THR A 302 -3.14 22.36 7.30
C THR A 302 -3.61 21.01 7.80
N THR A 303 -2.74 20.00 7.81
CA THR A 303 -3.14 18.65 8.18
C THR A 303 -3.17 18.49 9.69
N ASP A 304 -4.31 18.08 10.21
CA ASP A 304 -4.45 17.71 11.61
C ASP A 304 -4.22 16.21 11.70
N TRP A 305 -3.00 15.83 12.06
CA TRP A 305 -2.61 14.42 12.02
C TRP A 305 -3.48 13.54 12.92
N ILE A 306 -3.80 14.02 14.14
CA ILE A 306 -4.64 13.21 15.03
C ILE A 306 -6.06 13.09 14.46
N ALA A 307 -6.58 14.18 13.89
CA ALA A 307 -7.91 14.13 13.32
C ALA A 307 -7.97 13.15 12.17
N ILE A 308 -6.92 13.10 11.34
CA ILE A 308 -6.87 12.09 10.28
C ILE A 308 -6.90 10.69 10.87
N TYR A 309 -6.05 10.43 11.86
CA TYR A 309 -6.01 9.12 12.50
C TYR A 309 -7.37 8.73 13.06
N GLN A 310 -8.08 9.71 13.65
CA GLN A 310 -9.40 9.46 14.25
C GLN A 310 -10.53 9.45 13.23
N ARG A 311 -10.23 9.74 11.96
CA ARG A 311 -11.22 9.69 10.90
C ARG A 311 -12.29 10.75 11.07
N LYS A 312 -11.90 11.90 11.60
CA LYS A 312 -12.83 12.99 11.86
C LYS A 312 -12.75 14.09 10.83
N VAL A 313 -11.84 13.99 9.89
CA VAL A 313 -11.76 14.94 8.79
C VAL A 313 -12.74 14.54 7.71
N GLU A 314 -13.47 15.52 7.17
CA GLU A 314 -14.41 15.25 6.10
C GLU A 314 -13.64 14.78 4.87
N ALA A 315 -14.06 13.65 4.30
CA ALA A 315 -13.39 13.11 3.13
C ALA A 315 -13.77 13.86 1.85
N PRO A 316 -12.88 13.81 0.85
CA PRO A 316 -13.18 14.42 -0.46
C PRO A 316 -14.35 13.79 -1.17
N PHE A 317 -14.57 12.50 -0.96
CA PHE A 317 -15.44 11.70 -1.80
C PHE A 317 -15.94 10.54 -0.95
N ILE A 318 -17.25 10.37 -0.87
CA ILE A 318 -17.88 9.23 -0.22
C ILE A 318 -18.42 8.34 -1.34
N PRO A 319 -17.87 7.14 -1.54
CA PRO A 319 -18.39 6.30 -2.63
C PRO A 319 -19.85 5.95 -2.41
N LYS A 320 -20.58 5.85 -3.51
CA LYS A 320 -21.96 5.40 -3.45
C LYS A 320 -21.98 3.89 -3.22
N PHE A 321 -22.88 3.45 -2.35
CA PHE A 321 -22.99 2.04 -2.00
C PHE A 321 -24.47 1.72 -1.91
N LYS A 322 -24.94 0.76 -2.72
CA LYS A 322 -26.35 0.43 -2.77
C LYS A 322 -26.75 -0.62 -1.75
N GLY A 323 -25.78 -1.33 -1.18
CA GLY A 323 -26.06 -2.30 -0.15
C GLY A 323 -24.91 -3.27 0.02
N PRO A 324 -25.04 -4.23 0.92
CA PRO A 324 -23.99 -5.23 1.07
C PRO A 324 -23.77 -5.98 -0.23
N GLY A 325 -22.51 -6.23 -0.53
CA GLY A 325 -22.15 -6.96 -1.73
C GLY A 325 -22.17 -6.14 -3.01
N ASP A 326 -22.45 -4.85 -2.94
N ASP A 326 -22.42 -4.84 -2.93
CA ASP A 326 -22.40 -4.03 -4.14
CA ASP A 326 -22.40 -3.99 -4.11
C ASP A 326 -21.00 -4.04 -4.70
C ASP A 326 -20.99 -3.97 -4.70
N THR A 327 -20.89 -4.20 -6.02
CA THR A 327 -19.60 -4.18 -6.72
C THR A 327 -19.52 -3.06 -7.75
N SER A 328 -20.43 -2.07 -7.69
CA SER A 328 -20.50 -1.05 -8.73
C SER A 328 -19.24 -0.18 -8.84
N ASN A 329 -18.42 -0.11 -7.79
CA ASN A 329 -17.21 0.72 -7.82
C ASN A 329 -15.99 -0.02 -8.30
N PHE A 330 -16.15 -1.26 -8.78
CA PHE A 330 -15.06 -2.05 -9.33
C PHE A 330 -15.27 -2.30 -10.82
N ASP A 331 -14.16 -2.43 -11.51
CA ASP A 331 -14.18 -2.79 -12.92
C ASP A 331 -14.52 -4.27 -13.07
N ASP A 332 -14.89 -4.66 -14.28
CA ASP A 332 -15.22 -6.05 -14.55
C ASP A 332 -14.00 -6.80 -15.07
N TYR A 333 -13.97 -8.10 -14.76
CA TYR A 333 -12.88 -8.98 -15.16
C TYR A 333 -13.47 -10.27 -15.72
N GLU A 334 -12.68 -10.94 -16.56
CA GLU A 334 -13.07 -12.26 -17.02
C GLU A 334 -13.26 -13.19 -15.84
N GLU A 335 -14.36 -13.92 -15.83
CA GLU A 335 -14.65 -14.87 -14.76
C GLU A 335 -14.15 -16.23 -15.20
N GLU A 336 -13.13 -16.74 -14.50
CA GLU A 336 -12.51 -18.02 -14.84
C GLU A 336 -12.81 -19.04 -13.77
N GLU A 337 -12.73 -20.31 -14.15
CA GLU A 337 -13.01 -21.38 -13.20
C GLU A 337 -12.05 -21.33 -12.03
N ILE A 338 -12.55 -21.70 -10.86
CA ILE A 338 -11.70 -21.95 -9.69
C ILE A 338 -11.71 -23.45 -9.44
N ARG A 339 -10.72 -24.17 -9.98
CA ARG A 339 -10.67 -25.62 -9.87
C ARG A 339 -9.66 -26.05 -8.83
N VAL A 340 -10.05 -27.00 -8.00
CA VAL A 340 -9.17 -27.56 -6.98
C VAL A 340 -8.80 -28.99 -7.36
N ILE A 342 -7.39 -32.89 -7.29
CA ILE A 342 -7.57 -33.97 -6.32
C ILE A 342 -6.24 -34.37 -5.67
N ASN A 343 -5.14 -33.82 -6.17
CA ASN A 343 -3.81 -34.14 -5.67
C ASN A 343 -3.17 -32.89 -5.10
N GLU A 344 -2.53 -33.03 -3.94
CA GLU A 344 -1.87 -31.88 -3.33
C GLU A 344 -0.73 -31.38 -4.21
N LYS A 345 -0.68 -30.07 -4.41
CA LYS A 345 0.38 -29.44 -5.18
C LYS A 345 1.29 -28.67 -4.23
N CYS A 346 2.60 -28.82 -4.41
CA CYS A 346 3.57 -27.96 -3.74
C CYS A 346 3.38 -27.95 -2.23
N GLY A 347 3.01 -29.09 -1.66
CA GLY A 347 2.77 -29.15 -0.23
C GLY A 347 3.97 -28.73 0.59
N LYS A 348 5.16 -29.21 0.23
CA LYS A 348 6.34 -28.97 1.06
C LYS A 348 6.69 -27.48 1.11
N GLU A 349 6.60 -26.79 -0.02
CA GLU A 349 7.03 -25.40 -0.05
C GLU A 349 6.09 -24.45 0.68
N PHE A 350 4.88 -24.88 1.03
CA PHE A 350 3.91 -24.01 1.69
C PHE A 350 3.51 -24.55 3.07
N THR A 351 4.34 -25.41 3.67
CA THR A 351 4.02 -25.99 4.97
C THR A 351 3.72 -24.92 6.01
N GLU A 352 4.43 -23.80 5.96
CA GLU A 352 4.28 -22.77 6.98
C GLU A 352 3.03 -21.92 6.80
N PHE A 353 2.38 -22.00 5.65
CA PHE A 353 1.24 -21.14 5.37
C PHE A 353 -0.01 -21.63 6.10
N ALA B 3 4.48 9.57 -23.47
CA ALA B 3 3.58 8.42 -23.40
C ALA B 3 4.03 7.49 -22.30
N GLY B 4 3.07 6.77 -21.73
CA GLY B 4 3.38 5.83 -20.68
C GLY B 4 2.17 4.97 -20.38
N ARG B 5 2.29 4.15 -19.35
CA ARG B 5 1.29 3.13 -19.06
C ARG B 5 0.12 3.74 -18.29
N THR B 6 -1.07 3.63 -18.85
CA THR B 6 -2.26 4.17 -18.19
C THR B 6 -3.12 3.11 -17.51
N GLY B 7 -2.92 1.83 -17.81
CA GLY B 7 -3.69 0.78 -17.18
C GLY B 7 -3.07 0.29 -15.89
N ARG B 8 -3.73 -0.70 -15.30
CA ARG B 8 -3.22 -1.24 -14.05
C ARG B 8 -1.83 -1.86 -14.28
N ARG B 9 -0.96 -1.65 -13.30
CA ARG B 9 0.45 -2.00 -13.40
C ARG B 9 0.74 -3.19 -12.51
N GLN B 10 1.33 -4.22 -13.09
CA GLN B 10 1.67 -5.42 -12.35
C GLN B 10 2.98 -5.25 -11.61
N ALA B 11 3.01 -5.73 -10.39
CA ALA B 11 4.25 -5.70 -9.64
C ALA B 11 5.09 -6.87 -10.09
N ILE B 12 6.39 -6.74 -9.97
CA ILE B 12 7.31 -7.80 -10.35
C ILE B 12 7.99 -8.33 -9.09
N HIS B 13 7.94 -9.65 -8.88
CA HIS B 13 8.50 -10.25 -7.66
C HIS B 13 10.01 -10.37 -7.70
N ASP B 14 10.60 -10.42 -8.89
CA ASP B 14 12.02 -10.67 -9.03
C ASP B 14 12.39 -10.14 -10.41
N ILE B 15 12.72 -8.86 -10.49
CA ILE B 15 13.16 -8.24 -11.72
C ILE B 15 14.56 -8.73 -12.01
#